data_9MTO
#
_entry.id   9MTO
#
_cell.length_a   41.460
_cell.length_b   41.460
_cell.length_c   325.720
_cell.angle_alpha   90.000
_cell.angle_beta   90.000
_cell.angle_gamma   120.000
#
_symmetry.space_group_name_H-M   'P 32 2 1'
#
loop_
_entity.id
_entity.type
_entity.pdbx_description
1 polymer '[Ribosomal protein bS18]-alanine N-acetyltransferase'
2 non-polymer 'COENZYME A'
3 water water
#
_entity_poly.entity_id   1
_entity_poly.type   'polypeptide(L)'
_entity_poly.pdbx_seq_one_letter_code
;QSMKIRNWIKDDVPQVSEIAEAAMPFPWSEKFFYDCLKSNYYGWVMESDHHLVGFIVILMQEKECQLMNIAVAPRYQRKG
VASQLLQHALHYAKTHHATRLLLEVRKSNRSAIEFYKKAGGVEIGVRKNYYPAEKGREDALVFNLNF
;
_entity_poly.pdbx_strand_id   A,B
#
# COMPACT_ATOMS: atom_id res chain seq x y z
N GLN A 1 -36.38 -2.58 -5.14
CA GLN A 1 -36.30 -3.82 -4.39
C GLN A 1 -35.57 -4.88 -5.19
N SER A 2 -35.31 -4.58 -6.45
CA SER A 2 -34.50 -5.50 -7.24
C SER A 2 -33.11 -5.62 -6.62
N MET A 3 -32.50 -6.80 -6.71
CA MET A 3 -31.12 -7.00 -6.32
C MET A 3 -30.49 -7.96 -7.33
N LYS A 4 -29.28 -7.66 -7.74
CA LYS A 4 -28.60 -8.43 -8.76
C LYS A 4 -27.25 -8.84 -8.18
N ILE A 5 -26.90 -10.11 -8.31
CA ILE A 5 -25.54 -10.53 -7.97
C ILE A 5 -24.92 -11.16 -9.22
N ARG A 6 -23.70 -10.77 -9.54
CA ARG A 6 -23.08 -11.32 -10.75
C ARG A 6 -21.57 -11.24 -10.60
N ASN A 7 -20.89 -12.01 -11.44
CA ASN A 7 -19.46 -11.84 -11.52
C ASN A 7 -19.13 -10.44 -12.00
N TRP A 8 -18.03 -9.92 -11.46
CA TRP A 8 -17.56 -8.59 -11.80
C TRP A 8 -16.87 -8.63 -13.15
N ILE A 9 -16.75 -7.44 -13.73
CA ILE A 9 -16.16 -7.26 -15.07
C ILE A 9 -15.33 -5.98 -14.99
N LYS A 10 -14.43 -5.81 -15.96
CA LYS A 10 -13.55 -4.65 -15.89
C LYS A 10 -14.31 -3.33 -15.78
N ASP A 11 -15.48 -3.21 -16.40
CA ASP A 11 -16.23 -1.95 -16.33
C ASP A 11 -16.65 -1.60 -14.89
N ASP A 12 -16.68 -2.59 -13.99
CA ASP A 12 -17.08 -2.36 -12.61
C ASP A 12 -16.03 -1.68 -11.76
N VAL A 13 -14.76 -1.66 -12.21
CA VAL A 13 -13.65 -1.34 -11.31
C VAL A 13 -13.78 0.07 -10.74
N PRO A 14 -14.27 1.07 -11.46
CA PRO A 14 -14.35 2.40 -10.84
C PRO A 14 -15.31 2.44 -9.67
N GLN A 15 -16.49 1.82 -9.81
CA GLN A 15 -17.40 1.77 -8.68
C GLN A 15 -16.89 0.89 -7.55
N VAL A 16 -16.25 -0.25 -7.87
CA VAL A 16 -15.66 -1.08 -6.83
C VAL A 16 -14.63 -0.29 -6.04
N SER A 17 -13.81 0.46 -6.74
CA SER A 17 -12.79 1.26 -6.08
CA SER A 17 -12.79 1.30 -6.11
C SER A 17 -13.43 2.36 -5.25
N GLU A 18 -14.56 2.91 -5.69
CA GLU A 18 -15.29 3.89 -4.88
C GLU A 18 -15.86 3.25 -3.62
N ILE A 19 -16.40 2.03 -3.72
CA ILE A 19 -16.84 1.32 -2.51
C ILE A 19 -15.70 1.12 -1.55
N ALA A 20 -14.54 0.68 -2.05
CA ALA A 20 -13.34 0.57 -1.23
C ALA A 20 -12.98 1.89 -0.54
N GLU A 21 -12.93 2.98 -1.28
CA GLU A 21 -12.60 4.27 -0.68
C GLU A 21 -13.55 4.62 0.44
N ALA A 22 -14.83 4.28 0.27
CA ALA A 22 -15.88 4.63 1.23
C ALA A 22 -15.83 3.71 2.45
N ALA A 23 -15.51 2.43 2.24
CA ALA A 23 -15.70 1.41 3.29
C ALA A 23 -14.43 0.83 3.91
N MET A 24 -13.31 0.77 3.16
CA MET A 24 -12.26 -0.11 3.65
C MET A 24 -11.15 0.70 4.30
N PRO A 25 -10.66 0.38 5.51
CA PRO A 25 -9.51 1.14 6.00
C PRO A 25 -8.33 0.88 5.07
N PHE A 26 -7.51 1.90 4.87
CA PHE A 26 -6.36 1.81 3.99
C PHE A 26 -6.71 1.19 2.63
N PRO A 27 -7.57 1.83 1.85
CA PRO A 27 -8.20 1.17 0.72
C PRO A 27 -7.27 0.91 -0.45
N TRP A 28 -7.53 -0.21 -1.12
CA TRP A 28 -6.92 -0.52 -2.40
C TRP A 28 -7.13 0.59 -3.41
N SER A 29 -6.11 0.87 -4.18
CA SER A 29 -6.20 1.80 -5.29
C SER A 29 -7.04 1.20 -6.42
N GLU A 30 -7.51 2.06 -7.32
CA GLU A 30 -8.16 1.59 -8.54
C GLU A 30 -7.26 0.63 -9.29
N LYS A 31 -5.94 0.88 -9.30
CA LYS A 31 -5.03 -0.02 -9.99
C LYS A 31 -4.89 -1.38 -9.29
N PHE A 32 -5.04 -1.43 -7.95
CA PHE A 32 -4.99 -2.72 -7.26
C PHE A 32 -6.14 -3.65 -7.67
N PHE A 33 -7.32 -3.08 -8.00
CA PHE A 33 -8.45 -3.90 -8.45
C PHE A 33 -8.28 -4.39 -9.89
N TYR A 34 -7.60 -3.63 -10.76
CA TYR A 34 -7.18 -4.23 -12.03
C TYR A 34 -6.20 -5.37 -11.82
N ASP A 35 -5.35 -5.28 -10.78
CA ASP A 35 -4.31 -6.28 -10.58
C ASP A 35 -4.89 -7.68 -10.36
N CYS A 36 -6.06 -7.80 -9.69
CA CYS A 36 -6.68 -9.11 -9.52
C CYS A 36 -7.77 -9.38 -10.55
N LEU A 37 -7.71 -8.75 -11.70
CA LEU A 37 -8.50 -9.26 -12.80
C LEU A 37 -7.90 -10.51 -13.42
N LYS A 38 -6.67 -10.85 -13.06
CA LYS A 38 -5.92 -11.87 -13.77
C LYS A 38 -6.35 -13.26 -13.30
N SER A 39 -5.70 -14.28 -13.86
CA SER A 39 -6.12 -15.67 -13.69
C SER A 39 -6.16 -16.05 -12.22
N ASN A 40 -7.03 -17.02 -11.90
CA ASN A 40 -7.30 -17.57 -10.57
C ASN A 40 -7.89 -16.56 -9.59
N TYR A 41 -8.22 -15.33 -9.99
CA TYR A 41 -8.88 -14.37 -9.11
C TYR A 41 -10.31 -14.25 -9.56
N TYR A 42 -11.27 -14.31 -8.64
CA TYR A 42 -12.68 -14.31 -9.00
C TYR A 42 -13.38 -13.27 -8.15
N GLY A 43 -14.26 -12.50 -8.78
CA GLY A 43 -14.97 -11.46 -8.09
C GLY A 43 -16.45 -11.47 -8.47
N TRP A 44 -17.23 -10.94 -7.55
CA TRP A 44 -18.68 -10.73 -7.69
C TRP A 44 -19.06 -9.34 -7.17
N VAL A 45 -20.15 -8.80 -7.70
CA VAL A 45 -20.63 -7.50 -7.26
C VAL A 45 -22.12 -7.67 -6.99
N MET A 46 -22.65 -6.88 -6.05
CA MET A 46 -24.10 -6.77 -5.83
C MET A 46 -24.58 -5.43 -6.36
N GLU A 47 -25.66 -5.44 -7.13
CA GLU A 47 -26.31 -4.20 -7.50
C GLU A 47 -27.62 -4.07 -6.73
N SER A 48 -27.80 -2.94 -6.05
CA SER A 48 -29.06 -2.61 -5.39
C SER A 48 -29.35 -1.13 -5.63
N ASP A 49 -30.62 -0.75 -5.76
CA ASP A 49 -30.92 0.66 -6.08
C ASP A 49 -30.13 1.14 -7.32
N HIS A 50 -29.99 0.28 -8.33
CA HIS A 50 -29.45 0.67 -9.64
C HIS A 50 -27.98 1.08 -9.57
N HIS A 51 -27.20 0.56 -8.63
CA HIS A 51 -25.77 0.88 -8.61
C HIS A 51 -25.06 -0.21 -7.81
N LEU A 52 -23.73 -0.27 -7.92
CA LEU A 52 -23.05 -1.33 -7.15
C LEU A 52 -22.92 -0.93 -5.68
N VAL A 53 -23.22 -1.87 -4.77
CA VAL A 53 -23.15 -1.58 -3.33
C VAL A 53 -22.19 -2.47 -2.58
N GLY A 54 -21.58 -3.44 -3.22
CA GLY A 54 -20.64 -4.30 -2.48
C GLY A 54 -19.98 -5.22 -3.46
N PHE A 55 -18.81 -5.73 -3.06
CA PHE A 55 -18.07 -6.65 -3.92
C PHE A 55 -17.32 -7.63 -3.03
N ILE A 56 -16.90 -8.74 -3.63
CA ILE A 56 -16.06 -9.69 -2.93
C ILE A 56 -15.10 -10.27 -3.94
N VAL A 57 -13.86 -10.55 -3.52
CA VAL A 57 -12.79 -11.02 -4.39
C VAL A 57 -12.16 -12.19 -3.68
N ILE A 58 -12.02 -13.34 -4.37
CA ILE A 58 -11.31 -14.48 -3.80
C ILE A 58 -10.16 -14.87 -4.71
N LEU A 59 -9.25 -15.63 -4.13
CA LEU A 59 -8.13 -16.23 -4.86
C LEU A 59 -8.22 -17.74 -4.68
N MET A 60 -8.33 -18.49 -5.79
CA MET A 60 -8.25 -19.96 -5.72
C MET A 60 -6.78 -20.38 -5.87
N GLN A 61 -6.20 -20.94 -4.83
CA GLN A 61 -4.78 -21.29 -4.86
C GLN A 61 -4.59 -22.64 -4.19
N GLU A 62 -3.74 -23.47 -4.81
CA GLU A 62 -3.49 -24.84 -4.35
C GLU A 62 -4.84 -25.54 -4.31
N LYS A 63 -5.21 -26.19 -3.21
CA LYS A 63 -6.50 -26.82 -3.06
C LYS A 63 -7.50 -25.95 -2.27
N GLU A 64 -7.10 -24.79 -1.74
CA GLU A 64 -7.99 -24.01 -0.88
C GLU A 64 -8.22 -22.61 -1.46
N CYS A 65 -8.86 -21.75 -0.67
CA CYS A 65 -9.36 -20.48 -1.16
C CYS A 65 -8.93 -19.35 -0.21
N GLN A 66 -8.68 -18.15 -0.75
CA GLN A 66 -8.37 -16.99 0.11
C GLN A 66 -9.32 -15.85 -0.20
N LEU A 67 -9.87 -15.22 0.86
CA LEU A 67 -10.69 -14.03 0.71
C LEU A 67 -9.78 -12.81 0.61
N MET A 68 -9.71 -12.21 -0.58
CA MET A 68 -8.75 -11.12 -0.75
C MET A 68 -9.34 -9.81 -0.27
N ASN A 69 -10.65 -9.67 -0.41
CA ASN A 69 -11.28 -8.41 -0.07
C ASN A 69 -12.77 -8.60 -0.12
N ILE A 70 -13.47 -7.92 0.79
CA ILE A 70 -14.93 -7.85 0.74
C ILE A 70 -15.30 -6.51 1.32
N ALA A 71 -16.23 -5.80 0.68
CA ALA A 71 -16.55 -4.46 1.16
C ALA A 71 -17.96 -4.09 0.71
N VAL A 72 -18.66 -3.33 1.55
CA VAL A 72 -20.04 -2.86 1.29
C VAL A 72 -20.10 -1.37 1.58
N ALA A 73 -20.69 -0.63 0.67
CA ALA A 73 -20.77 0.81 0.86
C ALA A 73 -21.46 1.10 2.19
N PRO A 74 -20.99 2.10 2.95
CA PRO A 74 -21.52 2.28 4.31
C PRO A 74 -23.03 2.46 4.41
N ARG A 75 -23.63 3.16 3.46
CA ARG A 75 -25.09 3.30 3.50
C ARG A 75 -25.84 2.00 3.30
N TYR A 76 -25.18 0.96 2.80
CA TYR A 76 -25.81 -0.34 2.58
C TYR A 76 -25.36 -1.43 3.56
N GLN A 77 -24.60 -1.06 4.58
CA GLN A 77 -24.10 -2.02 5.56
C GLN A 77 -25.19 -2.44 6.53
N ARG A 78 -24.96 -3.58 7.18
CA ARG A 78 -25.82 -4.16 8.19
C ARG A 78 -27.19 -4.50 7.62
N LYS A 79 -27.22 -4.90 6.34
CA LYS A 79 -28.44 -5.42 5.74
C LYS A 79 -28.27 -6.81 5.12
N GLY A 80 -27.16 -7.49 5.38
CA GLY A 80 -26.90 -8.78 4.79
C GLY A 80 -26.18 -8.78 3.44
N VAL A 81 -25.79 -7.62 2.92
CA VAL A 81 -25.11 -7.59 1.61
C VAL A 81 -23.86 -8.46 1.61
N ALA A 82 -22.93 -8.24 2.58
CA ALA A 82 -21.71 -9.04 2.59
C ALA A 82 -22.02 -10.52 2.80
N SER A 83 -23.04 -10.81 3.63
CA SER A 83 -23.43 -12.20 3.85
C SER A 83 -23.81 -12.88 2.55
N GLN A 84 -24.57 -12.20 1.71
CA GLN A 84 -25.00 -12.78 0.44
C GLN A 84 -23.80 -12.94 -0.50
N LEU A 85 -22.91 -11.95 -0.52
CA LEU A 85 -21.75 -11.99 -1.41
C LEU A 85 -20.84 -13.14 -1.01
N LEU A 86 -20.65 -13.32 0.28
CA LEU A 86 -19.82 -14.41 0.77
C LEU A 86 -20.45 -15.77 0.47
N GLN A 87 -21.78 -15.89 0.63
CA GLN A 87 -22.45 -17.15 0.29
C GLN A 87 -22.22 -17.49 -1.17
N HIS A 88 -22.28 -16.48 -2.06
CA HIS A 88 -22.12 -16.74 -3.48
C HIS A 88 -20.68 -17.17 -3.77
N ALA A 89 -19.74 -16.46 -3.18
CA ALA A 89 -18.33 -16.81 -3.30
C ALA A 89 -18.05 -18.21 -2.80
N LEU A 90 -18.64 -18.59 -1.66
CA LEU A 90 -18.34 -19.92 -1.11
C LEU A 90 -19.00 -21.03 -1.92
N HIS A 91 -20.15 -20.78 -2.52
CA HIS A 91 -20.69 -21.75 -3.44
C HIS A 91 -19.73 -21.99 -4.62
N TYR A 92 -19.13 -20.95 -5.18
CA TYR A 92 -18.14 -21.15 -6.23
C TYR A 92 -16.96 -21.97 -5.74
N ALA A 93 -16.39 -21.56 -4.59
CA ALA A 93 -15.22 -22.25 -4.05
C ALA A 93 -15.51 -23.72 -3.76
N LYS A 94 -16.67 -24.01 -3.16
CA LYS A 94 -17.02 -25.40 -2.85
C LYS A 94 -17.18 -26.23 -4.11
N THR A 95 -17.65 -25.64 -5.20
CA THR A 95 -17.77 -26.39 -6.45
C THR A 95 -16.42 -26.67 -7.07
N HIS A 96 -15.41 -25.88 -6.71
CA HIS A 96 -14.06 -26.03 -7.21
C HIS A 96 -13.15 -26.64 -6.15
N HIS A 97 -13.72 -27.58 -5.39
CA HIS A 97 -12.99 -28.48 -4.51
C HIS A 97 -12.24 -27.76 -3.38
N ALA A 98 -12.77 -26.65 -2.88
CA ALA A 98 -12.21 -25.99 -1.70
C ALA A 98 -13.14 -26.19 -0.49
N THR A 99 -12.54 -26.16 0.72
CA THR A 99 -13.27 -26.36 1.97
C THR A 99 -12.86 -25.36 3.06
N ARG A 100 -11.82 -24.56 2.85
CA ARG A 100 -11.34 -23.66 3.88
C ARG A 100 -11.06 -22.31 3.24
N LEU A 101 -11.63 -21.25 3.80
CA LEU A 101 -11.41 -19.89 3.33
C LEU A 101 -10.51 -19.13 4.30
N LEU A 102 -9.34 -18.67 3.82
CA LEU A 102 -8.38 -17.86 4.58
C LEU A 102 -8.64 -16.36 4.47
N LEU A 103 -8.57 -15.66 5.59
CA LEU A 103 -8.68 -14.21 5.56
C LEU A 103 -7.55 -13.62 6.39
N GLU A 104 -6.85 -12.64 5.86
CA GLU A 104 -5.91 -11.84 6.62
C GLU A 104 -6.39 -10.41 6.63
N VAL A 105 -6.46 -9.84 7.82
CA VAL A 105 -7.11 -8.56 8.03
C VAL A 105 -6.31 -7.79 9.07
N ARG A 106 -6.28 -6.47 8.96
CA ARG A 106 -5.62 -5.64 9.98
C ARG A 106 -6.25 -5.84 11.36
N LYS A 107 -5.40 -5.86 12.39
CA LYS A 107 -5.88 -6.08 13.75
C LYS A 107 -6.96 -5.06 14.15
N SER A 108 -6.87 -3.84 13.63
CA SER A 108 -7.79 -2.76 13.99
C SER A 108 -9.08 -2.79 13.18
N ASN A 109 -9.20 -3.71 12.21
CA ASN A 109 -10.34 -3.69 11.29
C ASN A 109 -11.49 -4.45 11.94
N ARG A 110 -12.10 -3.79 12.90
CA ARG A 110 -13.11 -4.39 13.75
C ARG A 110 -14.30 -4.92 12.96
N SER A 111 -14.78 -4.13 11.99
CA SER A 111 -16.00 -4.56 11.32
C SER A 111 -15.77 -5.83 10.51
N ALA A 112 -14.65 -5.92 9.77
CA ALA A 112 -14.37 -7.12 9.00
C ALA A 112 -14.17 -8.31 9.92
N ILE A 113 -13.54 -8.08 11.08
CA ILE A 113 -13.31 -9.16 12.04
C ILE A 113 -14.64 -9.70 12.56
N GLU A 114 -15.51 -8.80 13.04
CA GLU A 114 -16.79 -9.24 13.60
C GLU A 114 -17.67 -9.87 12.53
N PHE A 115 -17.62 -9.38 11.30
CA PHE A 115 -18.37 -10.00 10.22
C PHE A 115 -17.90 -11.44 10.00
N TYR A 116 -16.59 -11.62 9.92
CA TYR A 116 -16.09 -12.94 9.59
C TYR A 116 -16.37 -13.90 10.71
N LYS A 117 -16.27 -13.46 11.95
CA LYS A 117 -16.54 -14.34 13.07
C LYS A 117 -18.00 -14.79 13.08
N LYS A 118 -18.93 -13.89 12.76
CA LYS A 118 -20.34 -14.31 12.75
C LYS A 118 -20.70 -15.18 11.56
N ALA A 119 -19.81 -15.31 10.59
CA ALA A 119 -19.93 -16.23 9.45
C ALA A 119 -19.27 -17.59 9.70
N GLY A 120 -18.69 -17.79 10.87
CA GLY A 120 -18.01 -19.02 11.18
C GLY A 120 -16.49 -18.95 11.18
N GLY A 121 -15.91 -17.77 10.96
CA GLY A 121 -14.44 -17.68 10.93
C GLY A 121 -13.83 -17.81 12.31
N VAL A 122 -12.62 -18.39 12.35
CA VAL A 122 -11.90 -18.66 13.60
C VAL A 122 -10.49 -18.12 13.45
N GLU A 123 -10.00 -17.41 14.46
CA GLU A 123 -8.62 -16.92 14.37
C GLU A 123 -7.67 -18.09 14.53
N ILE A 124 -6.69 -18.15 13.62
CA ILE A 124 -5.68 -19.21 13.66
C ILE A 124 -4.27 -18.66 13.83
N GLY A 125 -4.06 -17.37 13.68
CA GLY A 125 -2.70 -16.85 13.87
C GLY A 125 -2.64 -15.35 13.77
N VAL A 126 -1.45 -14.82 14.06
CA VAL A 126 -1.14 -13.40 13.89
C VAL A 126 0.15 -13.31 13.08
N ARG A 127 0.18 -12.41 12.09
CA ARG A 127 1.43 -11.99 11.45
C ARG A 127 1.76 -10.62 12.01
N LYS A 128 2.83 -10.52 12.78
CA LYS A 128 3.18 -9.27 13.43
C LYS A 128 3.72 -8.28 12.41
N ASN A 129 3.29 -7.03 12.52
CA ASN A 129 3.88 -5.92 11.77
C ASN A 129 3.86 -6.25 10.28
N TYR A 130 2.72 -6.69 9.81
CA TYR A 130 2.58 -7.14 8.43
C TYR A 130 2.16 -6.01 7.50
N TYR A 131 1.36 -5.04 7.98
CA TYR A 131 0.86 -3.96 7.11
C TYR A 131 1.55 -2.66 7.45
N PRO A 132 1.69 -1.72 6.50
CA PRO A 132 2.17 -0.38 6.86
C PRO A 132 1.08 0.37 7.61
N ALA A 133 1.49 1.16 8.58
CA ALA A 133 0.58 1.96 9.36
C ALA A 133 1.06 3.39 9.32
N GLU A 134 0.22 4.32 9.78
CA GLU A 134 0.61 5.73 9.77
C GLU A 134 1.96 5.94 10.43
N LYS A 135 2.24 5.19 11.49
CA LYS A 135 3.57 5.11 12.09
C LYS A 135 3.88 3.64 12.42
N GLY A 136 5.05 3.17 11.99
CA GLY A 136 5.35 1.75 12.14
C GLY A 136 4.45 0.87 11.27
N ARG A 137 4.25 -0.37 11.74
CA ARG A 137 3.51 -1.38 11.02
C ARG A 137 2.40 -1.93 11.93
N GLU A 138 1.45 -2.67 11.32
CA GLU A 138 0.27 -3.17 12.02
C GLU A 138 0.16 -4.68 11.83
N ASP A 139 -0.19 -5.39 12.89
CA ASP A 139 -0.33 -6.83 12.84
C ASP A 139 -1.49 -7.22 11.92
N ALA A 140 -1.40 -8.42 11.36
CA ALA A 140 -2.50 -9.01 10.62
C ALA A 140 -3.04 -10.18 11.42
N LEU A 141 -4.35 -10.21 11.63
CA LEU A 141 -4.98 -11.41 12.18
C LEU A 141 -5.31 -12.37 11.03
N VAL A 142 -5.16 -13.67 11.28
CA VAL A 142 -5.35 -14.67 10.23
C VAL A 142 -6.49 -15.58 10.66
N PHE A 143 -7.55 -15.62 9.85
CA PHE A 143 -8.73 -16.43 10.18
C PHE A 143 -8.89 -17.55 9.16
N ASN A 144 -9.52 -18.65 9.59
CA ASN A 144 -9.99 -19.72 8.71
C ASN A 144 -11.50 -19.85 8.83
N LEU A 145 -12.18 -20.01 7.70
CA LEU A 145 -13.60 -20.34 7.69
C LEU A 145 -13.78 -21.65 6.96
N ASN A 146 -14.34 -22.65 7.65
CA ASN A 146 -14.67 -23.91 7.02
C ASN A 146 -16.06 -23.83 6.41
N PHE A 147 -16.26 -24.55 5.30
CA PHE A 147 -17.53 -24.45 4.54
C PHE A 147 -17.69 -25.66 3.68
N MET B 3 32.74 8.29 7.85
CA MET B 3 31.44 8.72 7.34
C MET B 3 31.47 8.94 5.82
N LYS B 4 30.81 8.05 5.05
CA LYS B 4 30.72 8.20 3.60
C LYS B 4 29.30 7.86 3.15
N ILE B 5 29.07 7.98 1.85
CA ILE B 5 27.79 7.67 1.23
C ILE B 5 28.07 6.73 0.06
N ARG B 6 27.44 5.56 0.08
CA ARG B 6 27.79 4.47 -0.81
C ARG B 6 26.54 3.79 -1.35
N ASN B 7 26.71 3.09 -2.47
CA ASN B 7 25.65 2.27 -3.03
C ASN B 7 25.13 1.30 -1.98
N TRP B 8 23.81 1.27 -1.82
CA TRP B 8 23.16 0.23 -1.03
C TRP B 8 23.45 -1.16 -1.59
N ILE B 9 23.48 -2.15 -0.68
CA ILE B 9 23.70 -3.55 -1.01
C ILE B 9 22.64 -4.37 -0.29
N LYS B 10 22.37 -5.58 -0.81
CA LYS B 10 21.38 -6.47 -0.23
C LYS B 10 21.55 -6.63 1.28
N ASP B 11 22.80 -6.62 1.76
CA ASP B 11 23.05 -6.73 3.19
C ASP B 11 22.50 -5.56 3.98
N ASP B 12 22.25 -4.41 3.33
CA ASP B 12 21.75 -3.22 4.02
C ASP B 12 20.25 -3.32 4.31
N VAL B 13 19.53 -4.09 3.50
CA VAL B 13 18.07 -4.06 3.51
C VAL B 13 17.49 -4.25 4.91
N PRO B 14 18.08 -5.09 5.77
CA PRO B 14 17.58 -5.10 7.17
C PRO B 14 17.66 -3.74 7.83
N GLN B 15 18.83 -3.09 7.85
CA GLN B 15 18.94 -1.84 8.58
C GLN B 15 18.25 -0.66 7.88
N VAL B 16 18.12 -0.71 6.56
CA VAL B 16 17.33 0.30 5.88
C VAL B 16 15.86 0.19 6.29
N SER B 17 15.35 -1.05 6.35
CA SER B 17 13.98 -1.29 6.77
C SER B 17 13.73 -0.81 8.19
N GLU B 18 14.75 -0.91 9.06
CA GLU B 18 14.60 -0.45 10.44
C GLU B 18 14.44 1.07 10.50
N ILE B 19 15.29 1.81 9.77
CA ILE B 19 15.14 3.26 9.76
C ILE B 19 13.80 3.65 9.15
N ALA B 20 13.37 2.92 8.11
CA ALA B 20 12.08 3.18 7.50
C ALA B 20 10.96 2.98 8.50
N GLU B 21 10.99 1.86 9.24
CA GLU B 21 9.92 1.62 10.20
C GLU B 21 9.88 2.72 11.26
N ALA B 22 11.02 3.32 11.57
CA ALA B 22 11.16 4.28 12.66
C ALA B 22 10.80 5.70 12.23
N ALA B 23 11.13 6.06 11.00
CA ALA B 23 11.07 7.45 10.57
C ALA B 23 9.98 7.75 9.54
N MET B 24 9.62 6.82 8.72
CA MET B 24 8.83 7.05 7.52
C MET B 24 7.34 6.78 7.75
N PRO B 25 6.45 7.72 7.46
CA PRO B 25 5.03 7.38 7.50
C PRO B 25 4.74 6.23 6.52
N PHE B 26 3.86 5.33 6.93
CA PHE B 26 3.42 4.23 6.08
C PHE B 26 4.63 3.51 5.48
N PRO B 27 5.48 2.95 6.33
CA PRO B 27 6.77 2.46 5.86
C PRO B 27 6.63 1.35 4.84
N TRP B 28 7.50 1.38 3.85
CA TRP B 28 7.71 0.24 2.96
C TRP B 28 8.11 -1.01 3.74
N SER B 29 7.65 -2.18 3.26
CA SER B 29 8.00 -3.49 3.81
C SER B 29 9.49 -3.80 3.63
N GLU B 30 9.98 -4.74 4.43
CA GLU B 30 11.30 -5.27 4.19
C GLU B 30 11.34 -6.00 2.85
N LYS B 31 10.26 -6.70 2.51
CA LYS B 31 10.21 -7.38 1.21
C LYS B 31 10.33 -6.36 0.07
N PHE B 32 9.57 -5.27 0.14
CA PHE B 32 9.62 -4.28 -0.93
C PHE B 32 11.01 -3.66 -1.07
N PHE B 33 11.72 -3.52 0.05
CA PHE B 33 13.07 -2.97 -0.02
C PHE B 33 13.98 -3.91 -0.80
N TYR B 34 13.80 -5.23 -0.63
CA TYR B 34 14.53 -6.19 -1.45
C TYR B 34 14.16 -6.05 -2.92
N ASP B 35 12.88 -5.81 -3.21
CA ASP B 35 12.46 -5.60 -4.60
C ASP B 35 13.14 -4.40 -5.23
N CYS B 36 13.44 -3.36 -4.44
CA CYS B 36 13.96 -2.16 -5.06
C CYS B 36 15.33 -2.37 -5.71
N LEU B 37 15.98 -3.51 -5.51
CA LEU B 37 17.28 -3.81 -6.11
C LEU B 37 17.21 -4.02 -7.63
N LYS B 38 16.04 -3.80 -8.24
CA LYS B 38 15.82 -4.03 -9.66
C LYS B 38 16.35 -2.85 -10.49
N SER B 39 16.13 -2.95 -11.80
CA SER B 39 16.63 -1.97 -12.75
C SER B 39 15.99 -0.60 -12.52
N ASN B 40 16.66 0.44 -13.02
CA ASN B 40 16.23 1.84 -12.95
C ASN B 40 16.20 2.43 -11.53
N TYR B 41 16.30 1.60 -10.50
CA TYR B 41 16.26 2.05 -9.12
C TYR B 41 17.67 2.17 -8.55
N TYR B 42 17.95 3.30 -7.90
CA TYR B 42 19.26 3.57 -7.32
C TYR B 42 19.10 4.04 -5.88
N GLY B 43 19.82 3.39 -4.98
CA GLY B 43 19.82 3.78 -3.58
C GLY B 43 21.20 4.11 -3.06
N TRP B 44 21.26 4.83 -1.93
CA TRP B 44 22.52 5.04 -1.25
C TRP B 44 22.24 5.07 0.25
N VAL B 45 23.23 4.67 1.03
CA VAL B 45 23.16 4.74 2.48
C VAL B 45 24.26 5.64 2.98
N MET B 46 24.05 6.20 4.16
CA MET B 46 25.12 6.91 4.85
C MET B 46 25.59 6.00 5.97
N GLU B 47 26.87 5.66 5.94
CA GLU B 47 27.50 4.83 6.96
C GLU B 47 28.26 5.71 7.91
N SER B 48 27.84 5.72 9.18
CA SER B 48 28.62 6.31 10.26
C SER B 48 28.90 5.19 11.23
N ASP B 49 30.09 5.21 11.83
CA ASP B 49 30.52 4.24 12.82
C ASP B 49 29.89 2.86 12.65
N HIS B 50 30.12 2.25 11.48
CA HIS B 50 29.77 0.85 11.22
C HIS B 50 28.28 0.58 11.40
N HIS B 51 27.44 1.57 11.10
CA HIS B 51 26.01 1.36 11.08
C HIS B 51 25.40 2.41 10.17
N LEU B 52 24.21 2.11 9.64
CA LEU B 52 23.51 3.00 8.73
C LEU B 52 22.67 4.01 9.51
N VAL B 53 22.63 5.23 8.98
CA VAL B 53 21.96 6.33 9.66
C VAL B 53 20.94 6.99 8.75
N GLY B 54 20.96 6.63 7.46
CA GLY B 54 20.01 7.19 6.51
C GLY B 54 20.14 6.50 5.16
N PHE B 55 19.17 6.77 4.30
CA PHE B 55 19.18 6.21 2.95
C PHE B 55 18.38 7.12 2.04
N ILE B 56 18.64 7.02 0.74
CA ILE B 56 17.91 7.77 -0.28
C ILE B 56 17.79 6.88 -1.52
N VAL B 57 16.66 6.99 -2.21
CA VAL B 57 16.29 6.14 -3.34
C VAL B 57 15.72 7.03 -4.43
N ILE B 58 16.29 6.94 -5.64
CA ILE B 58 15.80 7.72 -6.78
C ILE B 58 15.52 6.78 -7.95
N LEU B 59 14.78 7.30 -8.94
CA LEU B 59 14.47 6.61 -10.18
C LEU B 59 14.80 7.52 -11.35
N MET B 60 15.54 7.03 -12.36
CA MET B 60 15.98 7.85 -13.49
C MET B 60 15.21 7.48 -14.76
N GLN B 61 14.32 8.40 -15.19
CA GLN B 61 13.39 8.19 -16.31
C GLN B 61 13.52 9.31 -17.32
N GLU B 62 13.40 8.96 -18.60
CA GLU B 62 13.52 9.95 -19.67
C GLU B 62 14.77 10.79 -19.50
N LYS B 63 14.59 12.08 -19.18
CA LYS B 63 15.67 12.96 -18.75
C LYS B 63 15.48 13.44 -17.33
N GLU B 64 14.37 13.09 -16.69
CA GLU B 64 14.09 13.48 -15.32
C GLU B 64 14.52 12.38 -14.35
N CYS B 65 14.39 12.69 -13.07
CA CYS B 65 14.55 11.70 -12.03
C CYS B 65 13.50 12.00 -10.99
N GLN B 66 13.24 11.00 -10.15
CA GLN B 66 12.20 11.05 -9.15
C GLN B 66 12.78 10.55 -7.84
N LEU B 67 12.58 11.32 -6.78
CA LEU B 67 12.98 10.92 -5.45
C LEU B 67 11.92 9.95 -4.95
N MET B 68 12.27 8.69 -4.80
CA MET B 68 11.24 7.76 -4.37
C MET B 68 11.13 7.70 -2.85
N ASN B 69 12.22 7.91 -2.13
CA ASN B 69 12.25 7.77 -0.68
C ASN B 69 13.55 8.37 -0.14
N ILE B 70 13.46 9.03 1.00
CA ILE B 70 14.61 9.52 1.75
C ILE B 70 14.24 9.50 3.21
N ALA B 71 15.11 8.93 4.05
CA ALA B 71 14.73 8.73 5.45
C ALA B 71 15.97 8.69 6.32
N VAL B 72 15.88 9.28 7.52
CA VAL B 72 16.97 9.36 8.49
C VAL B 72 16.46 8.90 9.86
N ALA B 73 17.29 8.16 10.60
CA ALA B 73 16.90 7.71 11.93
C ALA B 73 16.59 8.90 12.83
N PRO B 74 15.49 8.88 13.60
CA PRO B 74 15.09 10.06 14.37
C PRO B 74 16.12 10.56 15.38
N ARG B 75 16.90 9.66 15.99
CA ARG B 75 17.96 10.11 16.88
C ARG B 75 19.03 10.90 16.14
N TYR B 76 19.14 10.72 14.82
CA TYR B 76 20.19 11.35 14.02
C TYR B 76 19.62 12.37 13.03
N GLN B 77 18.34 12.71 13.14
CA GLN B 77 17.76 13.77 12.33
C GLN B 77 18.27 15.14 12.74
N ARG B 78 18.17 16.08 11.80
CA ARG B 78 18.53 17.48 11.98
C ARG B 78 20.00 17.66 12.34
N LYS B 79 20.80 16.62 12.07
CA LYS B 79 22.25 16.72 12.02
C LYS B 79 22.74 17.21 10.67
N GLY B 80 22.01 16.88 9.61
CA GLY B 80 22.42 17.25 8.26
C GLY B 80 22.49 16.04 7.34
N VAL B 81 22.00 14.90 7.84
CA VAL B 81 22.18 13.64 7.12
C VAL B 81 21.45 13.67 5.79
N ALA B 82 20.16 14.05 5.82
CA ALA B 82 19.38 14.04 4.59
C ALA B 82 19.92 15.02 3.57
N SER B 83 20.29 16.22 4.00
CA SER B 83 20.91 17.18 3.09
C SER B 83 22.10 16.56 2.36
N GLN B 84 23.01 15.93 3.12
CA GLN B 84 24.15 15.26 2.52
C GLN B 84 23.72 14.13 1.58
N LEU B 85 22.72 13.34 1.98
CA LEU B 85 22.26 12.25 1.12
C LEU B 85 21.65 12.79 -0.17
N LEU B 86 20.82 13.82 -0.05
CA LEU B 86 20.24 14.44 -1.22
C LEU B 86 21.32 14.95 -2.17
N GLN B 87 22.34 15.62 -1.62
CA GLN B 87 23.35 16.17 -2.51
C GLN B 87 24.13 15.07 -3.22
N HIS B 88 24.38 13.95 -2.54
CA HIS B 88 25.04 12.83 -3.22
C HIS B 88 24.17 12.29 -4.35
N ALA B 89 22.86 12.23 -4.13
CA ALA B 89 21.95 11.84 -5.21
C ALA B 89 21.96 12.88 -6.33
N LEU B 90 21.91 14.17 -5.98
CA LEU B 90 21.92 15.22 -6.98
C LEU B 90 23.20 15.20 -7.80
N HIS B 91 24.34 14.93 -7.16
CA HIS B 91 25.61 14.85 -7.90
C HIS B 91 25.51 13.82 -9.01
N TYR B 92 25.23 12.57 -8.64
CA TYR B 92 25.08 11.52 -9.63
C TYR B 92 24.02 11.86 -10.66
N ALA B 93 22.87 12.39 -10.21
CA ALA B 93 21.82 12.76 -11.14
C ALA B 93 22.31 13.76 -12.18
N LYS B 94 22.92 14.87 -11.73
CA LYS B 94 23.49 15.83 -12.68
C LYS B 94 24.54 15.18 -13.56
N THR B 95 25.24 14.17 -13.05
CA THR B 95 26.24 13.47 -13.86
C THR B 95 25.58 12.70 -15.00
N HIS B 96 24.40 12.14 -14.76
CA HIS B 96 23.77 11.28 -15.76
C HIS B 96 22.52 11.91 -16.38
N HIS B 97 22.67 13.07 -17.00
CA HIS B 97 21.65 13.63 -17.89
C HIS B 97 20.36 13.96 -17.13
N ALA B 98 20.49 14.73 -16.05
CA ALA B 98 19.33 15.11 -15.26
C ALA B 98 19.47 16.55 -14.79
N THR B 99 18.35 17.27 -14.77
CA THR B 99 18.30 18.63 -14.23
C THR B 99 17.08 18.88 -13.35
N ARG B 100 16.15 17.94 -13.24
CA ARG B 100 14.98 18.11 -12.40
C ARG B 100 14.81 16.88 -11.52
N LEU B 101 14.48 17.10 -10.26
CA LEU B 101 14.18 16.01 -9.34
C LEU B 101 12.72 16.15 -8.94
N LEU B 102 11.91 15.15 -9.26
CA LEU B 102 10.49 15.15 -8.95
C LEU B 102 10.26 14.46 -7.61
N LEU B 103 9.37 15.01 -6.80
CA LEU B 103 8.94 14.32 -5.58
C LEU B 103 7.43 14.32 -5.46
N GLU B 104 6.86 13.16 -5.20
CA GLU B 104 5.46 13.00 -4.84
C GLU B 104 5.39 12.52 -3.39
N VAL B 105 4.61 13.19 -2.55
CA VAL B 105 4.61 12.91 -1.12
C VAL B 105 3.23 13.18 -0.51
N ARG B 106 2.91 12.45 0.57
CA ARG B 106 1.64 12.65 1.24
C ARG B 106 1.56 14.08 1.73
N LYS B 107 0.36 14.66 1.62
CA LYS B 107 0.16 16.00 2.09
C LYS B 107 0.49 16.14 3.55
N SER B 108 0.32 15.06 4.34
CA SER B 108 0.55 15.15 5.77
C SER B 108 2.01 14.95 6.16
N ASN B 109 2.91 14.70 5.20
CA ASN B 109 4.31 14.44 5.57
C ASN B 109 5.06 15.76 5.69
N ARG B 110 4.85 16.40 6.83
CA ARG B 110 5.41 17.72 7.10
C ARG B 110 6.94 17.71 6.99
N SER B 111 7.60 16.69 7.52
CA SER B 111 9.06 16.85 7.61
C SER B 111 9.69 16.68 6.23
N ALA B 112 9.14 15.75 5.43
CA ALA B 112 9.61 15.59 4.05
C ALA B 112 9.39 16.86 3.26
N ILE B 113 8.22 17.48 3.41
CA ILE B 113 7.88 18.67 2.64
C ILE B 113 8.77 19.84 3.04
N GLU B 114 8.93 20.05 4.35
CA GLU B 114 9.74 21.18 4.79
C GLU B 114 11.19 20.98 4.40
N PHE B 115 11.69 19.75 4.53
CA PHE B 115 13.02 19.41 4.05
C PHE B 115 13.19 19.71 2.56
N TYR B 116 12.24 19.27 1.73
CA TYR B 116 12.42 19.43 0.28
C TYR B 116 12.29 20.88 -0.14
N LYS B 117 11.36 21.64 0.44
CA LYS B 117 11.30 23.06 0.09
C LYS B 117 12.55 23.79 0.53
N LYS B 118 13.09 23.43 1.69
CA LYS B 118 14.32 24.03 2.17
C LYS B 118 15.46 23.79 1.18
N ALA B 119 15.49 22.59 0.58
CA ALA B 119 16.50 22.29 -0.43
C ALA B 119 16.27 23.00 -1.75
N GLY B 120 15.16 23.71 -1.94
CA GLY B 120 14.89 24.42 -3.18
C GLY B 120 13.71 23.92 -3.96
N GLY B 121 13.15 22.75 -3.64
CA GLY B 121 11.98 22.27 -4.35
C GLY B 121 10.79 23.20 -4.25
N VAL B 122 10.00 23.23 -5.33
CA VAL B 122 8.79 24.07 -5.44
C VAL B 122 7.58 23.18 -5.78
N GLU B 123 6.45 23.47 -5.14
CA GLU B 123 5.26 22.65 -5.40
C GLU B 123 4.74 22.98 -6.80
N ILE B 124 4.54 21.93 -7.61
CA ILE B 124 3.99 22.12 -8.95
C ILE B 124 2.57 21.59 -9.08
N GLY B 125 2.10 20.76 -8.16
CA GLY B 125 0.72 20.34 -8.29
C GLY B 125 0.30 19.43 -7.16
N VAL B 126 -0.96 19.01 -7.24
CA VAL B 126 -1.55 18.12 -6.25
C VAL B 126 -2.31 17.04 -7.02
N ARG B 127 -2.17 15.80 -6.58
CA ARG B 127 -3.04 14.70 -7.02
C ARG B 127 -3.99 14.39 -5.87
N LYS B 128 -5.30 14.66 -6.09
CA LYS B 128 -6.28 14.43 -5.02
C LYS B 128 -6.43 12.93 -4.77
N ASN B 129 -6.52 12.53 -3.51
CA ASN B 129 -6.99 11.18 -3.15
C ASN B 129 -6.13 10.11 -3.83
N TYR B 130 -4.84 10.30 -3.70
CA TYR B 130 -3.82 9.54 -4.39
C TYR B 130 -3.33 8.37 -3.56
N TYR B 131 -3.14 8.58 -2.16
CA TYR B 131 -2.57 7.51 -1.34
C TYR B 131 -3.64 6.86 -0.47
N PRO B 132 -3.46 5.62 -0.04
CA PRO B 132 -4.42 5.05 0.93
C PRO B 132 -4.21 5.66 2.31
N ALA B 133 -5.31 5.90 3.00
CA ALA B 133 -5.23 6.41 4.35
C ALA B 133 -6.15 5.63 5.25
N GLU B 134 -6.03 5.87 6.56
CA GLU B 134 -6.80 5.08 7.51
C GLU B 134 -8.29 5.19 7.21
N LYS B 135 -8.76 6.38 6.90
CA LYS B 135 -10.11 6.58 6.37
C LYS B 135 -9.98 7.23 4.99
N GLY B 136 -10.42 6.51 3.94
CA GLY B 136 -10.37 7.11 2.61
C GLY B 136 -8.97 7.23 2.02
N ARG B 137 -8.75 8.26 1.17
CA ARG B 137 -7.44 8.45 0.55
C ARG B 137 -6.87 9.81 0.88
N GLU B 138 -5.57 9.98 0.63
CA GLU B 138 -4.87 11.19 1.00
C GLU B 138 -4.23 11.84 -0.23
N ASP B 139 -4.26 13.18 -0.29
CA ASP B 139 -3.73 13.88 -1.45
C ASP B 139 -2.22 13.75 -1.49
N ALA B 140 -1.68 13.76 -2.70
CA ALA B 140 -0.24 13.84 -2.92
C ALA B 140 0.10 15.27 -3.33
N LEU B 141 1.16 15.82 -2.76
CA LEU B 141 1.75 17.02 -3.30
C LEU B 141 2.92 16.63 -4.18
N VAL B 142 3.08 17.35 -5.30
CA VAL B 142 4.11 17.08 -6.30
C VAL B 142 5.04 18.28 -6.34
N PHE B 143 6.34 18.02 -6.14
CA PHE B 143 7.39 19.03 -6.09
C PHE B 143 8.40 18.80 -7.19
N ASN B 144 9.07 19.88 -7.58
CA ASN B 144 10.14 19.79 -8.53
C ASN B 144 11.33 20.54 -7.95
N LEU B 145 12.52 19.98 -8.15
CA LEU B 145 13.75 20.61 -7.69
C LEU B 145 14.69 20.73 -8.87
N ASN B 146 15.14 21.95 -9.14
CA ASN B 146 16.10 22.17 -10.20
C ASN B 146 17.51 22.00 -9.66
N PHE B 147 18.36 21.35 -10.43
CA PHE B 147 19.78 21.24 -10.05
C PHE B 147 20.71 21.22 -11.28
#